data_5VYU
#
_entry.id   5VYU
#
_cell.length_a   66.835
_cell.length_b   66.835
_cell.length_c   235.947
_cell.angle_alpha   90.00
_cell.angle_beta   90.00
_cell.angle_gamma   90.00
#
_symmetry.space_group_name_H-M   'P 43 21 2'
#
loop_
_entity.id
_entity.type
_entity.pdbx_description
1 polymer 'Gdp-mannose 4,6-dehydratase / gdp-4-amino-4,6-dideoxy-d-mannose formyltransferase'
2 non-polymer 'N-{4-[{[(6S)-2-amino-4-oxo-3,4,5,6,7,8-hexahydropteridin-6-yl]methyl}(formyl)amino]benzoyl}-L-glutamic acid'
3 non-polymer GDP-perosamine
4 non-polymer "GUANOSINE-5'-DIPHOSPHATE"
5 water water
#
_entity_poly.entity_id   1
_entity_poly.type   'polypeptide(L)'
_entity_poly.pdbx_seq_one_letter_code
;GHMAIAPNTRVLVAGYGLPAEFCVTTLIGMGVEIDKIAVATHREDNRNCGLHSMLRLRNIQFTTAAANSEEFYEFGANFA
PDMIISMHYRSLIPGRFLKLAKKGSVNLHPSLLPAYRGTNSVAWVIINGESETGFSYHRMDENADTGAILLQERISVEET
DTAFSLFHRQIARAMLRLEEVILKLDQGDPGFAQLGEASYYARELPFGGVIDPRWSEVQIDRFIRAMFFPPFPPAVLKID
GKVYYVPSIDIYRSLMRGIPS
;
_entity_poly.pdbx_strand_id   A,B
#
# COMPACT_ATOMS: atom_id res chain seq x y z
N ALA A 4 20.50 -3.51 5.74
CA ALA A 4 20.51 -2.94 4.36
C ALA A 4 20.70 -4.02 3.29
N ILE A 5 19.82 -3.95 2.29
CA ILE A 5 20.08 -4.48 0.96
C ILE A 5 21.41 -3.91 0.42
N ALA A 6 22.15 -4.69 -0.35
CA ALA A 6 23.36 -4.16 -1.02
C ALA A 6 23.05 -2.90 -1.85
N PRO A 7 24.02 -1.95 -1.89
CA PRO A 7 23.90 -0.90 -2.90
C PRO A 7 24.16 -1.55 -4.25
N ASN A 8 23.68 -0.91 -5.30
CA ASN A 8 23.78 -1.47 -6.65
C ASN A 8 23.09 -2.83 -6.85
N THR A 9 22.27 -3.27 -5.90
CA THR A 9 21.43 -4.40 -6.21
C THR A 9 20.38 -3.90 -7.19
N ARG A 10 20.19 -4.66 -8.26
CA ARG A 10 19.23 -4.33 -9.31
C ARG A 10 17.96 -5.17 -9.12
N VAL A 11 16.80 -4.52 -9.01
CA VAL A 11 15.56 -5.26 -8.73
C VAL A 11 14.50 -5.07 -9.80
N LEU A 12 14.12 -6.17 -10.43
CA LEU A 12 12.97 -6.20 -11.36
C LEU A 12 11.69 -6.70 -10.66
N VAL A 13 10.67 -5.86 -10.66
CA VAL A 13 9.38 -6.23 -10.09
C VAL A 13 8.48 -6.58 -11.24
N ALA A 14 7.96 -7.82 -11.27
CA ALA A 14 6.88 -8.17 -12.19
C ALA A 14 5.56 -8.13 -11.45
N GLY A 15 4.72 -7.18 -11.75
CA GLY A 15 3.56 -7.02 -10.89
C GLY A 15 2.41 -6.27 -11.47
N TYR A 16 1.36 -6.19 -10.64
CA TYR A 16 0.05 -5.65 -11.02
C TYR A 16 -0.62 -5.06 -9.76
N GLY A 17 -1.14 -3.84 -9.86
CA GLY A 17 -1.95 -3.24 -8.81
C GLY A 17 -1.19 -2.80 -7.59
N LEU A 18 -1.92 -2.67 -6.49
CA LEU A 18 -1.35 -2.12 -5.25
C LEU A 18 -0.11 -2.84 -4.74
N PRO A 19 -0.12 -4.19 -4.73
CA PRO A 19 1.06 -4.91 -4.21
C PRO A 19 2.39 -4.48 -4.86
N ALA A 20 2.38 -4.34 -6.19
CA ALA A 20 3.52 -3.83 -6.96
C ALA A 20 3.86 -2.42 -6.54
N GLU A 21 2.84 -1.56 -6.39
CA GLU A 21 3.05 -0.15 -6.04
C GLU A 21 3.75 -0.08 -4.70
N PHE A 22 3.26 -0.93 -3.82
CA PHE A 22 3.77 -0.98 -2.48
C PHE A 22 5.18 -1.56 -2.43
N CYS A 23 5.44 -2.53 -3.29
CA CYS A 23 6.79 -3.08 -3.42
C CYS A 23 7.77 -2.01 -3.88
N VAL A 24 7.43 -1.29 -4.93
CA VAL A 24 8.27 -0.26 -5.45
C VAL A 24 8.54 0.80 -4.38
N THR A 25 7.51 1.21 -3.67
CA THR A 25 7.61 2.15 -2.58
C THR A 25 8.56 1.63 -1.53
N THR A 26 8.39 0.36 -1.17
CA THR A 26 9.25 -0.31 -0.21
C THR A 26 10.70 -0.31 -0.69
N LEU A 27 10.93 -0.71 -1.94
CA LEU A 27 12.27 -0.71 -2.48
C LEU A 27 12.87 0.72 -2.33
N ILE A 28 12.09 1.76 -2.61
CA ILE A 28 12.66 3.10 -2.54
C ILE A 28 13.07 3.45 -1.10
N GLY A 29 12.29 2.99 -0.12
CA GLY A 29 12.60 3.31 1.27
C GLY A 29 13.78 2.52 1.76
N MET A 30 14.08 1.42 1.08
CA MET A 30 15.28 0.64 1.35
C MET A 30 16.50 1.23 0.64
N GLY A 31 16.29 2.16 -0.28
CA GLY A 31 17.38 2.90 -0.89
C GLY A 31 17.85 2.35 -2.21
N VAL A 32 17.01 1.53 -2.83
CA VAL A 32 17.23 1.12 -4.21
C VAL A 32 16.85 2.32 -5.08
N GLU A 33 17.81 2.82 -5.86
CA GLU A 33 17.63 4.02 -6.65
C GLU A 33 16.83 3.67 -7.85
N ILE A 34 16.22 4.68 -8.46
CA ILE A 34 15.29 4.49 -9.60
C ILE A 34 15.92 3.63 -10.70
N ASP A 35 17.14 3.99 -11.12
CA ASP A 35 17.79 3.31 -12.25
C ASP A 35 18.15 1.85 -11.96
N LYS A 36 18.10 1.46 -10.70
CA LYS A 36 18.26 0.09 -10.28
C LYS A 36 16.88 -0.62 -10.13
N ILE A 37 15.79 -0.01 -10.63
CA ILE A 37 14.45 -0.62 -10.56
C ILE A 37 13.83 -0.61 -11.95
N ALA A 38 13.20 -1.71 -12.28
CA ALA A 38 12.49 -1.92 -13.53
C ALA A 38 11.26 -2.67 -13.20
N VAL A 39 10.17 -2.36 -13.94
CA VAL A 39 8.88 -3.00 -13.71
C VAL A 39 8.36 -3.64 -14.98
N ALA A 40 7.97 -4.91 -14.91
CA ALA A 40 7.19 -5.54 -15.95
C ALA A 40 5.78 -5.67 -15.42
N THR A 41 4.82 -5.28 -16.25
CA THR A 41 3.41 -5.26 -15.83
C THR A 41 2.48 -5.52 -17.04
N HIS A 42 1.18 -5.26 -16.83
CA HIS A 42 0.19 -5.36 -17.91
C HIS A 42 -0.38 -4.02 -18.17
N ARG A 43 -1.15 -3.92 -19.24
CA ARG A 43 -1.72 -2.63 -19.62
C ARG A 43 -2.45 -1.95 -18.47
N GLU A 44 -2.57 -0.64 -18.59
CA GLU A 44 -3.18 0.14 -17.55
C GLU A 44 -4.64 -0.27 -17.49
N ASP A 45 -5.18 -0.54 -16.31
CA ASP A 45 -6.61 -0.84 -16.21
C ASP A 45 -7.22 -0.33 -14.86
N ASN A 46 -8.41 -0.76 -14.48
CA ASN A 46 -9.01 -0.35 -13.18
C ASN A 46 -8.35 -0.88 -11.94
N ARG A 47 -7.48 -1.87 -12.05
CA ARG A 47 -6.71 -2.29 -10.87
C ARG A 47 -5.28 -1.77 -10.95
N ASN A 48 -4.77 -1.45 -12.15
CA ASN A 48 -3.36 -1.26 -12.39
C ASN A 48 -2.98 0.14 -12.73
N CYS A 49 -3.76 1.13 -12.37
CA CYS A 49 -3.39 2.44 -12.85
C CYS A 49 -2.76 3.30 -11.77
N GLY A 50 -2.72 2.79 -10.54
CA GLY A 50 -1.91 3.40 -9.50
C GLY A 50 -0.44 3.07 -9.78
N LEU A 51 -0.19 1.85 -10.27
CA LEU A 51 1.16 1.43 -10.55
C LEU A 51 1.67 2.26 -11.73
N HIS A 52 0.91 2.22 -12.82
CA HIS A 52 1.24 2.97 -14.03
C HIS A 52 1.50 4.46 -13.71
N SER A 53 0.66 5.09 -12.92
CA SER A 53 0.84 6.53 -12.74
C SER A 53 2.13 6.80 -11.96
N MET A 54 2.45 5.93 -11.02
CA MET A 54 3.76 5.97 -10.34
C MET A 54 4.95 5.83 -11.29
N LEU A 55 4.92 4.83 -12.15
CA LEU A 55 5.99 4.65 -13.14
C LEU A 55 6.17 5.85 -14.05
N ARG A 56 5.06 6.47 -14.43
CA ARG A 56 5.09 7.67 -15.25
C ARG A 56 5.65 8.83 -14.46
N LEU A 57 5.17 9.04 -13.23
CA LEU A 57 5.57 10.21 -12.44
C LEU A 57 7.06 10.18 -12.10
N ARG A 58 7.55 9.01 -11.78
CA ARG A 58 8.92 8.85 -11.36
C ARG A 58 9.85 8.46 -12.48
N ASN A 59 9.34 8.26 -13.69
CA ASN A 59 10.15 7.79 -14.84
C ASN A 59 10.92 6.47 -14.55
N ILE A 60 10.25 5.50 -13.95
CA ILE A 60 10.82 4.19 -13.68
C ILE A 60 10.57 3.39 -14.94
N GLN A 61 11.60 2.72 -15.45
CA GLN A 61 11.51 1.94 -16.69
C GLN A 61 10.57 0.76 -16.51
N PHE A 62 9.80 0.44 -17.54
CA PHE A 62 8.80 -0.68 -17.47
C PHE A 62 8.47 -1.26 -18.85
N THR A 63 7.89 -2.45 -18.89
CA THR A 63 7.30 -3.02 -20.10
C THR A 63 5.90 -3.58 -19.82
N THR A 64 5.03 -3.64 -20.82
CA THR A 64 3.73 -4.33 -20.69
C THR A 64 3.62 -5.57 -21.60
N ALA A 65 4.76 -6.01 -22.16
CA ALA A 65 4.77 -7.00 -23.19
C ALA A 65 4.53 -8.31 -22.53
N ALA A 66 3.88 -9.21 -23.27
CA ALA A 66 3.53 -10.50 -22.78
C ALA A 66 4.75 -11.27 -22.27
N ALA A 67 4.54 -12.02 -21.19
CA ALA A 67 5.59 -12.81 -20.54
C ALA A 67 6.38 -13.77 -21.46
N ASN A 68 5.72 -14.30 -22.48
CA ASN A 68 6.36 -15.21 -23.40
C ASN A 68 6.89 -14.58 -24.70
N SER A 69 7.03 -13.25 -24.74
CA SER A 69 7.45 -12.50 -25.94
C SER A 69 8.95 -12.19 -25.96
N GLU A 70 9.54 -11.98 -27.14
CA GLU A 70 10.97 -11.60 -27.16
C GLU A 70 11.19 -10.25 -26.49
N GLU A 71 10.23 -9.34 -26.64
CA GLU A 71 10.35 -7.99 -26.06
C GLU A 71 10.43 -8.02 -24.51
N PHE A 72 9.69 -8.90 -23.87
CA PHE A 72 9.76 -9.11 -22.43
C PHE A 72 11.15 -9.55 -21.98
N TYR A 73 11.65 -10.60 -22.66
CA TYR A 73 12.95 -11.16 -22.39
C TYR A 73 14.02 -10.16 -22.61
N GLU A 74 13.87 -9.39 -23.67
CA GLU A 74 14.79 -8.33 -23.99
C GLU A 74 14.80 -7.25 -22.94
N PHE A 75 13.63 -6.88 -22.43
CA PHE A 75 13.53 -5.93 -21.33
C PHE A 75 14.29 -6.42 -20.09
N GLY A 76 14.12 -7.68 -19.74
CA GLY A 76 14.82 -8.20 -18.58
C GLY A 76 16.32 -8.32 -18.80
N ALA A 77 16.71 -8.66 -20.04
CA ALA A 77 18.11 -8.88 -20.38
C ALA A 77 18.89 -7.57 -20.37
N ASN A 78 18.34 -6.52 -21.00
CA ASN A 78 18.90 -5.17 -20.87
C ASN A 78 19.00 -4.65 -19.47
N PHE A 79 18.01 -4.94 -18.64
CA PHE A 79 18.05 -4.44 -17.26
C PHE A 79 19.07 -5.19 -16.44
N ALA A 80 19.17 -6.51 -16.67
CA ALA A 80 20.05 -7.42 -15.92
C ALA A 80 19.74 -7.39 -14.42
N PRO A 81 18.63 -8.04 -14.01
CA PRO A 81 18.21 -7.98 -12.62
C PRO A 81 19.10 -8.86 -11.78
N ASP A 82 19.32 -8.49 -10.52
CA ASP A 82 19.89 -9.39 -9.52
C ASP A 82 18.77 -10.23 -8.94
N MET A 83 17.60 -9.62 -8.71
CA MET A 83 16.41 -10.35 -8.28
C MET A 83 15.13 -9.89 -8.96
N ILE A 84 14.20 -10.84 -9.12
CA ILE A 84 12.85 -10.64 -9.64
C ILE A 84 11.80 -10.85 -8.51
N ILE A 85 10.89 -9.91 -8.38
CA ILE A 85 9.84 -9.99 -7.37
C ILE A 85 8.50 -9.96 -8.11
N SER A 86 7.77 -11.06 -8.06
CA SER A 86 6.46 -11.15 -8.69
C SER A 86 5.42 -10.80 -7.66
N MET A 87 4.64 -9.76 -7.98
CA MET A 87 3.67 -9.20 -7.05
C MET A 87 2.36 -9.08 -7.78
N HIS A 88 1.63 -10.18 -7.78
CA HIS A 88 0.36 -10.36 -8.50
C HIS A 88 0.51 -10.29 -10.02
N TYR A 89 1.68 -10.66 -10.51
CA TYR A 89 1.89 -10.83 -11.93
C TYR A 89 0.96 -11.94 -12.42
N ARG A 90 0.38 -11.74 -13.59
CA ARG A 90 -0.78 -12.51 -14.08
C ARG A 90 -0.47 -13.47 -15.22
N SER A 91 0.82 -13.73 -15.47
CA SER A 91 1.27 -14.70 -16.47
C SER A 91 2.33 -15.59 -15.86
N LEU A 92 2.53 -16.76 -16.46
CA LEU A 92 3.65 -17.62 -16.10
C LEU A 92 4.92 -17.01 -16.67
N ILE A 93 5.95 -16.87 -15.86
CA ILE A 93 7.19 -16.27 -16.32
C ILE A 93 8.11 -17.38 -16.81
N PRO A 94 8.60 -17.26 -18.04
CA PRO A 94 9.37 -18.38 -18.61
C PRO A 94 10.67 -18.56 -17.88
N GLY A 95 11.13 -19.82 -17.87
CA GLY A 95 12.31 -20.23 -17.15
C GLY A 95 13.53 -19.40 -17.50
N ARG A 96 13.71 -19.13 -18.79
CA ARG A 96 14.90 -18.43 -19.27
C ARG A 96 14.95 -16.99 -18.76
N PHE A 97 13.79 -16.37 -18.58
CA PHE A 97 13.73 -15.04 -17.91
C PHE A 97 14.12 -15.07 -16.45
N LEU A 98 13.59 -16.00 -15.69
CA LEU A 98 13.98 -16.15 -14.30
C LEU A 98 15.48 -16.39 -14.15
N LYS A 99 16.00 -17.23 -15.01
CA LYS A 99 17.45 -17.48 -15.15
C LYS A 99 18.32 -16.21 -15.17
N LEU A 100 17.79 -15.10 -15.68
CA LEU A 100 18.57 -13.86 -15.73
C LEU A 100 18.90 -13.33 -14.38
N ALA A 101 18.09 -13.64 -13.36
CA ALA A 101 18.31 -13.08 -12.04
C ALA A 101 19.16 -14.04 -11.20
N LYS A 102 20.44 -13.70 -11.00
CA LYS A 102 21.39 -14.58 -10.31
C LYS A 102 21.01 -14.95 -8.86
N LYS A 103 20.24 -14.08 -8.21
CA LYS A 103 19.78 -14.33 -6.84
C LYS A 103 18.36 -14.81 -6.83
N GLY A 104 17.86 -15.18 -8.01
CA GLY A 104 16.54 -15.76 -8.16
C GLY A 104 15.37 -14.82 -7.89
N SER A 105 14.31 -15.39 -7.34
CA SER A 105 13.05 -14.70 -7.34
C SER A 105 12.08 -15.10 -6.21
N VAL A 106 11.01 -14.32 -6.13
CA VAL A 106 9.94 -14.63 -5.22
C VAL A 106 8.64 -14.17 -5.83
N ASN A 107 7.59 -14.89 -5.43
CA ASN A 107 6.24 -14.60 -5.80
C ASN A 107 5.43 -14.65 -4.55
N LEU A 108 4.43 -13.78 -4.49
CA LEU A 108 3.42 -13.82 -3.44
C LEU A 108 2.19 -14.65 -3.84
N HIS A 109 1.90 -15.71 -3.11
CA HIS A 109 0.70 -16.50 -3.37
C HIS A 109 -0.19 -16.53 -2.16
N PRO A 110 -1.49 -16.18 -2.33
CA PRO A 110 -2.38 -16.03 -1.19
C PRO A 110 -3.00 -17.38 -0.70
N SER A 111 -2.13 -18.33 -0.35
CA SER A 111 -2.52 -19.56 0.32
C SER A 111 -1.34 -20.09 1.12
N LEU A 112 -1.58 -21.17 1.83
CA LEU A 112 -0.55 -21.92 2.55
C LEU A 112 -0.12 -23.04 1.66
N LEU A 113 0.69 -22.70 0.67
CA LEU A 113 1.17 -23.65 -0.33
C LEU A 113 1.83 -24.88 0.33
N PRO A 114 1.69 -26.09 -0.22
CA PRO A 114 1.14 -26.38 -1.55
C PRO A 114 -0.41 -26.48 -1.65
N ALA A 115 -1.10 -26.32 -0.52
CA ALA A 115 -2.55 -26.10 -0.52
C ALA A 115 -2.97 -24.89 -1.40
N TYR A 116 -4.11 -25.01 -2.07
CA TYR A 116 -4.77 -23.97 -2.89
C TYR A 116 -3.90 -23.21 -3.87
N ARG A 117 -3.09 -23.99 -4.57
CA ARG A 117 -2.44 -23.49 -5.76
C ARG A 117 -3.48 -22.99 -6.78
N GLY A 118 -3.05 -22.09 -7.64
CA GLY A 118 -3.82 -21.65 -8.79
C GLY A 118 -4.68 -20.44 -8.50
N THR A 119 -5.92 -20.47 -8.99
CA THR A 119 -6.82 -19.32 -9.00
C THR A 119 -7.97 -19.44 -8.00
N ASN A 120 -8.59 -18.30 -7.70
CA ASN A 120 -9.79 -18.24 -6.85
C ASN A 120 -9.53 -18.77 -5.43
N SER A 121 -8.30 -18.57 -4.95
CA SER A 121 -7.87 -19.27 -3.73
C SER A 121 -8.70 -18.86 -2.56
N VAL A 122 -8.96 -17.56 -2.42
CA VAL A 122 -9.76 -17.06 -1.29
C VAL A 122 -11.22 -17.51 -1.34
N ALA A 123 -11.73 -17.76 -2.54
CA ALA A 123 -13.10 -18.28 -2.69
C ALA A 123 -13.15 -19.73 -2.27
N TRP A 124 -12.19 -20.53 -2.72
CA TRP A 124 -12.25 -21.96 -2.48
C TRP A 124 -12.05 -22.34 -1.01
N VAL A 125 -11.16 -21.59 -0.35
CA VAL A 125 -10.94 -21.65 1.10
C VAL A 125 -12.20 -21.39 1.95
N ILE A 126 -13.00 -20.40 1.55
CA ILE A 126 -14.27 -20.10 2.22
C ILE A 126 -15.26 -21.25 1.96
N ILE A 127 -15.42 -21.59 0.69
CA ILE A 127 -16.27 -22.72 0.28
C ILE A 127 -15.95 -24.03 1.00
N ASN A 128 -14.67 -24.30 1.15
CA ASN A 128 -14.20 -25.51 1.84
C ASN A 128 -14.32 -25.39 3.35
N GLY A 129 -14.76 -24.25 3.88
CA GLY A 129 -14.93 -24.07 5.33
C GLY A 129 -13.63 -24.11 6.11
N GLU A 130 -12.53 -23.54 5.56
CA GLU A 130 -11.23 -23.55 6.28
C GLU A 130 -11.25 -22.58 7.44
N SER A 131 -10.65 -22.95 8.56
CA SER A 131 -10.59 -22.06 9.71
C SER A 131 -9.35 -21.12 9.59
N GLU A 132 -8.31 -21.61 8.93
CA GLU A 132 -7.14 -20.79 8.61
C GLU A 132 -6.70 -21.02 7.16
N THR A 133 -6.12 -19.95 6.63
CA THR A 133 -5.41 -19.94 5.39
C THR A 133 -4.13 -19.14 5.68
N GLY A 134 -3.54 -18.54 4.65
CA GLY A 134 -2.36 -17.71 4.83
C GLY A 134 -1.80 -17.30 3.49
N PHE A 135 -0.58 -16.78 3.49
CA PHE A 135 0.10 -16.40 2.27
C PHE A 135 1.50 -17.00 2.26
N SER A 136 1.98 -17.31 1.06
CA SER A 136 3.28 -17.93 0.88
C SER A 136 4.08 -17.06 -0.10
N TYR A 137 5.25 -16.62 0.36
CA TYR A 137 6.25 -15.95 -0.47
C TYR A 137 7.21 -17.06 -0.87
N HIS A 138 7.22 -17.42 -2.15
CA HIS A 138 8.07 -18.54 -2.58
C HIS A 138 8.87 -18.23 -3.82
N ARG A 139 9.97 -18.95 -4.00
CA ARG A 139 10.83 -18.76 -5.17
C ARG A 139 10.08 -19.31 -6.32
N MET A 140 10.23 -18.69 -7.49
CA MET A 140 9.60 -19.16 -8.70
C MET A 140 10.52 -20.13 -9.43
N ASP A 141 10.03 -21.35 -9.63
CA ASP A 141 10.63 -22.23 -10.62
C ASP A 141 9.74 -22.19 -11.88
N GLU A 142 9.98 -23.04 -12.86
CA GLU A 142 9.34 -22.81 -14.15
C GLU A 142 7.86 -23.20 -14.19
N ASN A 143 7.42 -24.02 -13.22
CA ASN A 143 5.99 -24.25 -12.95
C ASN A 143 5.45 -23.28 -11.90
N ALA A 144 4.14 -23.21 -11.82
CA ALA A 144 3.48 -22.20 -11.03
C ALA A 144 3.33 -22.65 -9.57
N ASP A 145 3.76 -21.82 -8.63
CA ASP A 145 3.46 -22.03 -7.22
C ASP A 145 4.12 -23.27 -6.58
N THR A 146 5.18 -23.78 -7.21
CA THR A 146 5.83 -25.02 -6.74
C THR A 146 7.17 -24.78 -6.07
N GLY A 147 7.71 -23.56 -6.22
CA GLY A 147 9.06 -23.28 -5.78
C GLY A 147 9.18 -23.13 -4.29
N ALA A 148 10.41 -23.10 -3.79
CA ALA A 148 10.69 -23.10 -2.36
C ALA A 148 10.11 -21.91 -1.59
N ILE A 149 9.63 -22.22 -0.38
CA ILE A 149 9.02 -21.28 0.54
C ILE A 149 10.07 -20.53 1.28
N LEU A 150 10.04 -19.20 1.16
CA LEU A 150 10.85 -18.28 1.97
C LEU A 150 10.13 -17.80 3.21
N LEU A 151 8.82 -17.58 3.11
CA LEU A 151 8.06 -17.04 4.21
C LEU A 151 6.59 -17.39 4.01
N GLN A 152 5.99 -17.99 5.04
CA GLN A 152 4.56 -18.22 5.14
C GLN A 152 4.06 -17.54 6.38
N GLU A 153 2.84 -17.05 6.34
CA GLU A 153 2.18 -16.55 7.53
C GLU A 153 0.74 -16.99 7.48
N ARG A 154 0.19 -17.33 8.64
CA ARG A 154 -1.18 -17.85 8.75
C ARG A 154 -2.15 -16.71 9.05
N ILE A 155 -3.31 -16.76 8.43
CA ILE A 155 -4.32 -15.75 8.56
C ILE A 155 -5.58 -16.52 8.92
N SER A 156 -6.22 -16.16 10.03
CA SER A 156 -7.41 -16.88 10.43
C SER A 156 -8.57 -16.42 9.53
N VAL A 157 -9.43 -17.38 9.16
CA VAL A 157 -10.63 -17.09 8.38
C VAL A 157 -11.81 -16.97 9.35
N GLU A 158 -12.46 -15.81 9.35
CA GLU A 158 -13.58 -15.55 10.26
C GLU A 158 -14.87 -16.08 9.64
N GLU A 159 -15.84 -16.39 10.49
CA GLU A 159 -17.15 -16.83 10.05
C GLU A 159 -17.86 -15.79 9.18
N THR A 160 -17.58 -14.50 9.37
CA THR A 160 -18.18 -13.44 8.54
C THR A 160 -17.35 -13.05 7.29
N ASP A 161 -16.14 -13.60 7.13
CA ASP A 161 -15.33 -13.25 5.95
C ASP A 161 -16.04 -13.59 4.65
N THR A 162 -15.83 -12.73 3.65
CA THR A 162 -16.20 -13.00 2.26
C THR A 162 -14.94 -13.15 1.41
N ALA A 163 -15.07 -13.63 0.19
CA ALA A 163 -13.97 -13.56 -0.75
C ALA A 163 -13.30 -12.15 -0.74
N PHE A 164 -14.13 -11.13 -0.77
CA PHE A 164 -13.74 -9.73 -0.75
C PHE A 164 -12.94 -9.36 0.49
N SER A 165 -13.50 -9.63 1.67
CA SER A 165 -12.84 -9.27 2.88
C SER A 165 -11.49 -9.96 2.94
N LEU A 166 -11.50 -11.27 2.68
CA LEU A 166 -10.28 -12.09 2.80
C LEU A 166 -9.20 -11.78 1.76
N PHE A 167 -9.59 -11.42 0.55
CA PHE A 167 -8.68 -11.00 -0.50
C PHE A 167 -7.85 -9.76 -0.12
N HIS A 168 -8.57 -8.77 0.43
CA HIS A 168 -7.99 -7.54 0.89
C HIS A 168 -7.12 -7.70 2.14
N ARG A 169 -7.53 -8.51 3.11
CA ARG A 169 -6.70 -8.75 4.26
C ARG A 169 -5.41 -9.47 3.87
N GLN A 170 -5.53 -10.37 2.87
CA GLN A 170 -4.38 -11.10 2.29
C GLN A 170 -3.31 -10.15 1.77
N ILE A 171 -3.76 -9.14 1.01
CA ILE A 171 -2.88 -8.11 0.51
C ILE A 171 -2.25 -7.32 1.67
N ALA A 172 -3.07 -6.73 2.51
CA ALA A 172 -2.56 -5.87 3.55
C ALA A 172 -1.54 -6.59 4.43
N ARG A 173 -1.91 -7.75 4.98
CA ARG A 173 -0.97 -8.54 5.80
C ARG A 173 0.29 -8.97 5.05
N ALA A 174 0.18 -9.26 3.76
CA ALA A 174 1.36 -9.71 2.99
C ALA A 174 2.38 -8.57 2.84
N MET A 175 1.87 -7.36 2.59
CA MET A 175 2.73 -6.17 2.47
C MET A 175 3.55 -5.99 3.73
N LEU A 176 2.95 -6.27 4.88
CA LEU A 176 3.63 -6.14 6.17
C LEU A 176 4.91 -6.98 6.32
N ARG A 177 5.07 -8.04 5.55
CA ARG A 177 6.26 -8.91 5.61
C ARG A 177 7.24 -8.72 4.47
N LEU A 178 6.85 -7.88 3.52
CA LEU A 178 7.55 -7.77 2.26
C LEU A 178 8.98 -7.30 2.38
N GLU A 179 9.24 -6.32 3.24
CA GLU A 179 10.58 -5.83 3.44
C GLU A 179 11.50 -6.99 3.87
N GLU A 180 11.07 -7.73 4.87
CA GLU A 180 11.78 -8.91 5.40
C GLU A 180 12.15 -9.92 4.28
N VAL A 181 11.16 -10.21 3.42
CA VAL A 181 11.34 -11.15 2.30
C VAL A 181 12.35 -10.68 1.23
N ILE A 182 12.32 -9.38 0.93
CA ILE A 182 13.30 -8.82 0.01
C ILE A 182 14.71 -9.06 0.61
N LEU A 183 14.84 -8.83 1.93
CA LEU A 183 16.10 -9.03 2.63
C LEU A 183 16.50 -10.48 2.68
N LYS A 184 15.54 -11.41 2.70
CA LYS A 184 15.89 -12.85 2.59
C LYS A 184 16.46 -13.16 1.23
N LEU A 185 15.76 -12.74 0.18
CA LEU A 185 16.32 -12.84 -1.19
C LEU A 185 17.71 -12.23 -1.34
N ASP A 186 17.94 -11.07 -0.76
CA ASP A 186 19.23 -10.46 -0.87
C ASP A 186 20.34 -11.33 -0.24
N GLN A 187 20.09 -11.85 0.96
CA GLN A 187 21.07 -12.69 1.69
C GLN A 187 21.19 -14.18 1.21
N GLY A 188 20.46 -14.57 0.17
CA GLY A 188 20.62 -15.91 -0.39
C GLY A 188 19.86 -17.01 0.31
N ASP A 189 19.00 -16.69 1.28
CA ASP A 189 18.15 -17.67 1.96
C ASP A 189 17.54 -18.67 0.95
N PRO A 190 17.89 -19.97 1.05
CA PRO A 190 17.38 -20.90 0.05
C PRO A 190 15.91 -21.25 0.20
N GLY A 191 15.32 -21.01 1.38
CA GLY A 191 13.94 -21.45 1.66
C GLY A 191 13.85 -22.96 1.79
N PHE A 192 12.65 -23.48 2.01
CA PHE A 192 12.45 -24.93 2.15
C PHE A 192 11.44 -25.42 1.15
N ALA A 193 11.71 -26.59 0.59
CA ALA A 193 10.85 -27.19 -0.39
C ALA A 193 9.45 -27.46 0.15
N GLN A 194 8.47 -27.26 -0.71
CA GLN A 194 7.07 -27.49 -0.39
C GLN A 194 6.82 -28.98 -0.04
N LEU A 195 6.19 -29.18 1.11
CA LEU A 195 5.81 -30.48 1.64
C LEU A 195 4.35 -30.42 2.11
N GLY A 196 3.59 -31.49 1.83
CA GLY A 196 2.23 -31.64 2.32
C GLY A 196 1.26 -31.94 1.19
N GLU A 197 -0.03 -31.83 1.50
CA GLU A 197 -1.13 -32.12 0.58
C GLU A 197 -1.31 -30.96 -0.43
N ALA A 198 -0.82 -31.14 -1.65
CA ALA A 198 -1.10 -30.17 -2.72
C ALA A 198 -2.56 -30.19 -3.04
N SER A 199 -3.11 -29.03 -3.42
CA SER A 199 -4.39 -28.95 -4.17
C SER A 199 -4.34 -27.81 -5.18
N TYR A 200 -5.22 -27.89 -6.17
CA TYR A 200 -5.23 -26.96 -7.29
C TYR A 200 -6.67 -26.65 -7.75
N TYR A 201 -6.94 -25.38 -8.02
CA TYR A 201 -8.24 -24.92 -8.53
C TYR A 201 -8.07 -23.98 -9.75
N ALA A 202 -8.93 -24.15 -10.76
CA ALA A 202 -8.83 -23.38 -12.02
C ALA A 202 -9.82 -22.22 -12.05
N ARG A 203 -9.91 -21.53 -13.19
CA ARG A 203 -10.52 -20.19 -13.24
C ARG A 203 -12.06 -20.18 -13.13
N GLU A 204 -12.68 -21.35 -13.20
CA GLU A 204 -14.13 -21.43 -13.07
C GLU A 204 -14.58 -21.36 -11.62
N LEU A 205 -15.49 -20.42 -11.35
CA LEU A 205 -16.32 -20.50 -10.17
C LEU A 205 -17.13 -21.80 -10.22
N PRO A 206 -17.27 -22.47 -9.06
CA PRO A 206 -18.04 -23.73 -9.00
C PRO A 206 -19.53 -23.55 -8.94
N PHE A 207 -20.24 -24.63 -9.17
CA PHE A 207 -21.68 -24.60 -9.34
C PHE A 207 -22.18 -23.55 -10.36
N GLY A 208 -21.27 -23.02 -11.19
CA GLY A 208 -21.54 -21.82 -12.03
C GLY A 208 -22.05 -20.58 -11.30
N GLY A 209 -21.65 -20.39 -10.05
CA GLY A 209 -22.21 -19.33 -9.21
C GLY A 209 -23.65 -19.53 -8.75
N VAL A 210 -24.12 -20.78 -8.63
CA VAL A 210 -25.52 -21.08 -8.40
C VAL A 210 -25.75 -21.96 -7.16
N ILE A 211 -26.69 -21.54 -6.33
CA ILE A 211 -26.92 -22.21 -5.06
C ILE A 211 -27.74 -23.50 -5.27
N ASP A 212 -27.31 -24.62 -4.70
CA ASP A 212 -28.11 -25.85 -4.63
C ASP A 212 -28.90 -25.88 -3.29
N PRO A 213 -30.24 -25.83 -3.33
CA PRO A 213 -31.03 -25.79 -2.08
C PRO A 213 -30.96 -27.01 -1.14
N ARG A 214 -30.47 -28.16 -1.63
CA ARG A 214 -30.13 -29.33 -0.77
C ARG A 214 -28.88 -29.12 0.07
N TRP A 215 -28.03 -28.14 -0.28
CA TRP A 215 -26.93 -27.78 0.59
C TRP A 215 -27.53 -27.35 1.95
N SER A 216 -26.87 -27.63 3.05
CA SER A 216 -27.28 -27.05 4.34
C SER A 216 -27.06 -25.54 4.36
N GLU A 217 -27.71 -24.89 5.30
CA GLU A 217 -27.43 -23.48 5.62
C GLU A 217 -25.93 -23.18 5.69
N VAL A 218 -25.15 -24.11 6.21
CA VAL A 218 -23.69 -23.95 6.30
C VAL A 218 -22.98 -23.91 4.93
N GLN A 219 -23.34 -24.82 4.02
CA GLN A 219 -22.81 -24.81 2.63
C GLN A 219 -23.30 -23.58 1.81
N ILE A 220 -24.53 -23.17 2.08
CA ILE A 220 -25.14 -22.09 1.35
C ILE A 220 -24.44 -20.79 1.74
N ASP A 221 -24.33 -20.56 3.03
CA ASP A 221 -23.70 -19.38 3.57
C ASP A 221 -22.24 -19.22 3.06
N ARG A 222 -21.52 -20.34 3.06
CA ARG A 222 -20.13 -20.39 2.58
C ARG A 222 -20.06 -19.96 1.14
N PHE A 223 -20.88 -20.58 0.32
CA PHE A 223 -20.94 -20.28 -1.08
C PHE A 223 -21.26 -18.80 -1.33
N ILE A 224 -22.26 -18.28 -0.63
CA ILE A 224 -22.65 -16.88 -0.74
C ILE A 224 -21.48 -15.93 -0.42
N ARG A 225 -20.82 -16.23 0.69
CA ARG A 225 -19.68 -15.45 1.17
C ARG A 225 -18.47 -15.56 0.28
N ALA A 226 -18.28 -16.73 -0.31
CA ALA A 226 -17.18 -16.95 -1.27
C ALA A 226 -17.44 -16.32 -2.62
N MET A 227 -18.71 -16.10 -2.92
CA MET A 227 -19.13 -15.45 -4.15
C MET A 227 -19.22 -13.96 -4.04
N PHE A 228 -19.09 -13.41 -2.83
CA PHE A 228 -19.27 -11.96 -2.65
C PHE A 228 -17.97 -11.24 -2.99
N PHE A 229 -17.98 -10.41 -4.03
CA PHE A 229 -16.78 -9.75 -4.53
C PHE A 229 -17.18 -8.66 -5.50
N PRO A 230 -17.57 -7.49 -4.98
CA PRO A 230 -17.98 -6.41 -5.90
C PRO A 230 -16.82 -5.99 -6.84
N PRO A 231 -17.11 -5.73 -8.10
CA PRO A 231 -18.46 -5.59 -8.64
C PRO A 231 -19.02 -6.84 -9.34
N PHE A 232 -18.40 -8.00 -9.16
CA PHE A 232 -18.86 -9.19 -9.86
C PHE A 232 -20.26 -9.55 -9.36
N PRO A 233 -21.04 -10.27 -10.21
CA PRO A 233 -22.31 -10.70 -9.66
C PRO A 233 -22.16 -11.72 -8.49
N PRO A 234 -23.09 -11.65 -7.52
CA PRO A 234 -23.08 -12.59 -6.41
C PRO A 234 -23.71 -13.98 -6.75
N ALA A 235 -23.81 -14.85 -5.75
CA ALA A 235 -24.49 -16.12 -5.87
C ALA A 235 -25.94 -15.90 -6.36
N VAL A 236 -26.46 -16.90 -7.10
CA VAL A 236 -27.88 -16.86 -7.54
C VAL A 236 -28.73 -18.03 -7.04
N LEU A 237 -30.05 -17.77 -7.00
CA LEU A 237 -31.05 -18.75 -6.56
C LEU A 237 -32.30 -18.67 -7.41
N TYR A 244 -33.31 -13.99 -6.37
CA TYR A 244 -32.37 -14.23 -7.47
C TYR A 244 -30.90 -13.86 -7.21
N TYR A 245 -30.54 -12.58 -7.04
CA TYR A 245 -29.16 -12.22 -6.65
C TYR A 245 -29.03 -12.21 -5.16
N VAL A 246 -28.14 -13.06 -4.62
CA VAL A 246 -28.04 -13.37 -3.19
C VAL A 246 -26.65 -13.00 -2.58
N PRO A 247 -26.46 -11.72 -2.14
CA PRO A 247 -25.17 -11.29 -1.59
C PRO A 247 -24.98 -11.57 -0.09
N SER A 248 -26.00 -12.02 0.61
CA SER A 248 -25.85 -12.39 2.02
C SER A 248 -26.90 -13.40 2.38
N ILE A 249 -26.59 -14.21 3.41
CA ILE A 249 -27.52 -15.18 4.02
C ILE A 249 -28.84 -14.54 4.55
N ASP A 250 -28.78 -13.27 5.01
CA ASP A 250 -30.00 -12.47 5.30
C ASP A 250 -30.99 -12.57 4.14
N ILE A 251 -30.53 -12.13 2.96
CA ILE A 251 -31.35 -12.11 1.76
C ILE A 251 -31.83 -13.52 1.40
N TYR A 252 -30.96 -14.51 1.54
CA TYR A 252 -31.36 -15.92 1.31
C TYR A 252 -32.66 -16.29 2.03
N ARG A 253 -32.86 -15.77 3.23
CA ARG A 253 -34.13 -15.92 3.96
C ARG A 253 -35.11 -14.78 3.64
N ALA B 4 -11.36 -7.14 17.21
CA ALA B 4 -12.08 -6.90 15.90
C ALA B 4 -12.81 -5.55 15.91
N ILE B 5 -12.92 -4.91 14.75
CA ILE B 5 -13.63 -3.65 14.64
C ILE B 5 -15.10 -3.88 14.98
N ALA B 6 -15.70 -2.98 15.76
CA ALA B 6 -17.15 -3.09 15.97
C ALA B 6 -17.87 -3.07 14.58
N PRO B 7 -18.80 -4.02 14.33
CA PRO B 7 -19.43 -4.05 13.00
C PRO B 7 -20.43 -2.91 12.83
N ASN B 8 -20.73 -2.51 11.59
CA ASN B 8 -21.48 -1.26 11.31
C ASN B 8 -20.78 0.07 11.62
N THR B 9 -19.57 0.03 12.15
CA THR B 9 -18.74 1.22 12.25
C THR B 9 -18.59 1.83 10.87
N ARG B 10 -18.89 3.11 10.77
CA ARG B 10 -18.85 3.80 9.50
C ARG B 10 -17.59 4.66 9.51
N VAL B 11 -16.78 4.51 8.48
CA VAL B 11 -15.45 5.12 8.41
C VAL B 11 -15.33 5.95 7.13
N LEU B 12 -15.01 7.21 7.31
CA LEU B 12 -14.74 8.12 6.21
C LEU B 12 -13.23 8.30 6.16
N VAL B 13 -12.65 8.04 4.99
CA VAL B 13 -11.22 8.18 4.76
C VAL B 13 -11.05 9.50 3.98
N ALA B 14 -10.27 10.45 4.53
CA ALA B 14 -9.82 11.62 3.77
C ALA B 14 -8.39 11.36 3.34
N GLY B 15 -8.19 11.23 2.03
CA GLY B 15 -6.89 10.92 1.56
C GLY B 15 -6.61 11.00 0.10
N TYR B 16 -5.42 10.56 -0.21
CA TYR B 16 -4.75 10.85 -1.44
C TYR B 16 -3.69 9.77 -1.64
N GLY B 17 -3.69 9.14 -2.80
CA GLY B 17 -2.63 8.22 -3.20
C GLY B 17 -2.60 6.90 -2.46
N LEU B 18 -1.48 6.19 -2.58
CA LEU B 18 -1.24 4.86 -1.98
C LEU B 18 -1.62 4.73 -0.50
N PRO B 19 -1.27 5.72 0.33
CA PRO B 19 -1.73 5.59 1.70
C PRO B 19 -3.24 5.41 1.81
N ALA B 20 -4.00 6.11 0.99
CA ALA B 20 -5.44 6.02 1.03
C ALA B 20 -5.90 4.69 0.47
N GLU B 21 -5.35 4.28 -0.66
CA GLU B 21 -5.68 2.95 -1.23
C GLU B 21 -5.40 1.78 -0.24
N PHE B 22 -4.26 1.88 0.42
CA PHE B 22 -3.88 0.89 1.44
C PHE B 22 -4.84 0.86 2.61
N CYS B 23 -5.31 2.04 2.97
CA CYS B 23 -6.24 2.24 4.06
C CYS B 23 -7.58 1.63 3.76
N VAL B 24 -8.10 1.91 2.58
CA VAL B 24 -9.36 1.34 2.15
C VAL B 24 -9.22 -0.19 2.03
N THR B 25 -8.08 -0.65 1.53
CA THR B 25 -7.81 -2.08 1.47
C THR B 25 -7.84 -2.72 2.86
N THR B 26 -7.20 -2.09 3.82
CA THR B 26 -7.09 -2.61 5.17
C THR B 26 -8.50 -2.69 5.81
N LEU B 27 -9.26 -1.63 5.64
CA LEU B 27 -10.59 -1.51 6.22
C LEU B 27 -11.48 -2.63 5.69
N ILE B 28 -11.39 -2.91 4.39
CA ILE B 28 -12.15 -4.00 3.78
C ILE B 28 -11.69 -5.35 4.32
N GLY B 29 -10.38 -5.46 4.50
CA GLY B 29 -9.74 -6.60 5.16
C GLY B 29 -10.13 -6.85 6.59
N MET B 30 -10.55 -5.78 7.26
CA MET B 30 -11.08 -5.79 8.63
C MET B 30 -12.58 -6.04 8.68
N GLY B 31 -13.24 -6.28 7.55
CA GLY B 31 -14.68 -6.55 7.54
C GLY B 31 -15.60 -5.32 7.47
N VAL B 32 -15.06 -4.15 7.16
CA VAL B 32 -15.91 -2.99 6.94
C VAL B 32 -16.58 -3.08 5.55
N GLU B 33 -17.92 -3.09 5.55
CA GLU B 33 -18.69 -3.16 4.34
C GLU B 33 -18.52 -1.87 3.54
N ILE B 34 -18.67 -1.99 2.24
CA ILE B 34 -18.46 -0.90 1.29
C ILE B 34 -19.38 0.28 1.49
N ASP B 35 -20.63 0.01 1.84
CA ASP B 35 -21.56 1.09 2.13
C ASP B 35 -21.29 1.74 3.48
N LYS B 36 -20.44 1.12 4.30
CA LYS B 36 -19.88 1.78 5.51
C LYS B 36 -18.48 2.41 5.39
N ILE B 37 -18.02 2.57 4.15
CA ILE B 37 -16.84 3.37 3.81
C ILE B 37 -17.25 4.55 2.91
N ALA B 38 -16.62 5.70 3.12
CA ALA B 38 -16.75 6.87 2.27
C ALA B 38 -15.39 7.56 2.20
N VAL B 39 -15.08 8.18 1.06
CA VAL B 39 -13.79 8.74 0.81
C VAL B 39 -13.88 10.19 0.35
N ALA B 40 -13.08 11.05 0.97
CA ALA B 40 -12.82 12.39 0.43
C ALA B 40 -11.40 12.45 -0.11
N THR B 41 -11.26 12.98 -1.30
CA THR B 41 -9.98 13.07 -1.91
C THR B 41 -9.99 14.29 -2.81
N HIS B 42 -8.95 14.44 -3.61
CA HIS B 42 -8.84 15.54 -4.54
C HIS B 42 -8.97 15.02 -5.97
N ARG B 43 -8.88 15.93 -6.93
CA ARG B 43 -9.20 15.61 -8.33
C ARG B 43 -8.19 14.61 -8.79
N GLU B 44 -8.49 13.89 -9.84
CA GLU B 44 -7.61 12.79 -10.27
C GLU B 44 -6.20 13.30 -10.69
N ASP B 45 -5.16 12.76 -10.06
CA ASP B 45 -3.78 13.24 -10.19
C ASP B 45 -2.96 12.08 -10.70
N ASN B 46 -1.74 12.40 -11.10
CA ASN B 46 -0.69 11.39 -11.32
C ASN B 46 -0.21 10.68 -10.04
N ARG B 47 -0.55 11.21 -8.86
CA ARG B 47 -0.36 10.52 -7.58
C ARG B 47 -1.65 9.77 -7.13
N ASN B 48 -2.83 10.22 -7.56
CA ASN B 48 -4.12 9.85 -6.96
C ASN B 48 -5.02 9.03 -7.90
N CYS B 49 -4.38 8.40 -8.87
CA CYS B 49 -5.07 7.65 -9.89
C CYS B 49 -5.47 6.25 -9.42
N GLY B 50 -4.61 5.65 -8.60
CA GLY B 50 -4.86 4.36 -7.96
C GLY B 50 -6.18 4.38 -7.21
N LEU B 51 -6.29 5.33 -6.29
CA LEU B 51 -7.46 5.51 -5.43
C LEU B 51 -8.71 5.65 -6.29
N HIS B 52 -8.68 6.64 -7.17
CA HIS B 52 -9.86 6.95 -7.99
C HIS B 52 -10.45 5.76 -8.71
N SER B 53 -9.58 4.93 -9.28
CA SER B 53 -10.01 3.75 -10.01
C SER B 53 -10.52 2.69 -9.07
N MET B 54 -9.93 2.57 -7.85
CA MET B 54 -10.47 1.69 -6.84
C MET B 54 -11.92 2.06 -6.52
N LEU B 55 -12.17 3.35 -6.32
CA LEU B 55 -13.46 3.84 -5.84
C LEU B 55 -14.56 3.63 -6.89
N ARG B 56 -14.25 3.93 -8.15
CA ARG B 56 -15.14 3.61 -9.28
C ARG B 56 -15.33 2.08 -9.37
N LEU B 57 -14.25 1.33 -9.28
CA LEU B 57 -14.35 -0.11 -9.46
C LEU B 57 -15.28 -0.79 -8.45
N ARG B 58 -15.14 -0.44 -7.18
CA ARG B 58 -15.85 -1.11 -6.10
C ARG B 58 -17.10 -0.35 -5.73
N ASN B 59 -17.33 0.73 -6.45
CA ASN B 59 -18.44 1.62 -6.19
C ASN B 59 -18.55 2.06 -4.73
N ILE B 60 -17.42 2.53 -4.21
CA ILE B 60 -17.34 3.19 -2.92
C ILE B 60 -17.66 4.64 -3.19
N GLN B 61 -18.54 5.20 -2.39
CA GLN B 61 -18.94 6.59 -2.55
C GLN B 61 -17.82 7.56 -2.24
N PHE B 62 -17.79 8.66 -2.99
CA PHE B 62 -16.78 9.67 -2.72
C PHE B 62 -17.11 11.06 -3.20
N THR B 63 -16.33 12.02 -2.70
CA THR B 63 -16.31 13.40 -3.17
C THR B 63 -14.88 13.89 -3.43
N THR B 64 -14.76 14.83 -4.36
CA THR B 64 -13.55 15.57 -4.59
C THR B 64 -13.80 17.05 -4.33
N ALA B 65 -14.89 17.43 -3.66
CA ALA B 65 -15.12 18.86 -3.36
C ALA B 65 -14.06 19.43 -2.38
N ALA B 66 -13.81 20.72 -2.47
CA ALA B 66 -12.88 21.37 -1.53
C ALA B 66 -13.31 21.22 -0.05
N ALA B 67 -12.30 21.10 0.81
CA ALA B 67 -12.48 20.89 2.24
C ALA B 67 -13.33 21.99 2.92
N ASN B 68 -13.11 23.23 2.49
CA ASN B 68 -13.94 24.39 2.93
C ASN B 68 -15.32 24.59 2.28
N SER B 69 -15.79 23.64 1.46
CA SER B 69 -16.99 23.84 0.67
C SER B 69 -18.20 23.20 1.33
N GLU B 70 -19.39 23.72 1.00
CA GLU B 70 -20.63 23.20 1.55
C GLU B 70 -20.90 21.80 1.06
N GLU B 71 -20.50 21.50 -0.19
CA GLU B 71 -20.71 20.15 -0.75
C GLU B 71 -19.95 19.12 0.08
N PHE B 72 -18.75 19.46 0.49
CA PHE B 72 -17.88 18.56 1.25
C PHE B 72 -18.48 18.26 2.59
N TYR B 73 -18.95 19.31 3.28
CA TYR B 73 -19.64 19.18 4.55
C TYR B 73 -20.90 18.36 4.47
N GLU B 74 -21.67 18.52 3.40
CA GLU B 74 -22.88 17.70 3.22
C GLU B 74 -22.53 16.25 2.99
N PHE B 75 -21.52 15.99 2.16
CA PHE B 75 -21.05 14.64 1.96
C PHE B 75 -20.76 13.97 3.30
N GLY B 76 -20.07 14.66 4.18
CA GLY B 76 -19.85 14.14 5.56
C GLY B 76 -21.12 13.98 6.36
N ALA B 77 -21.96 15.01 6.35
CA ALA B 77 -23.30 14.97 7.02
C ALA B 77 -24.14 13.73 6.64
N ASN B 78 -24.28 13.45 5.36
CA ASN B 78 -25.12 12.33 4.89
C ASN B 78 -24.53 10.96 5.15
N PHE B 79 -23.20 10.88 5.17
CA PHE B 79 -22.56 9.62 5.38
C PHE B 79 -22.67 9.28 6.86
N ALA B 80 -22.40 10.28 7.71
CA ALA B 80 -22.52 10.15 9.16
C ALA B 80 -21.47 9.18 9.65
N PRO B 81 -20.19 9.58 9.56
CA PRO B 81 -19.10 8.72 10.02
C PRO B 81 -19.05 8.56 11.51
N ASP B 82 -18.64 7.39 11.96
CA ASP B 82 -18.23 7.19 13.36
C ASP B 82 -16.77 7.69 13.57
N MET B 83 -15.93 7.55 12.54
CA MET B 83 -14.53 7.94 12.59
C MET B 83 -13.97 8.41 11.24
N ILE B 84 -13.00 9.33 11.33
CA ILE B 84 -12.38 9.98 10.18
C ILE B 84 -10.90 9.67 10.16
N ILE B 85 -10.42 9.10 9.05
CA ILE B 85 -9.01 8.74 8.89
C ILE B 85 -8.47 9.61 7.75
N SER B 86 -7.55 10.50 8.10
CA SER B 86 -6.78 11.31 7.13
C SER B 86 -5.46 10.62 6.79
N MET B 87 -5.39 10.12 5.57
CA MET B 87 -4.21 9.47 5.00
C MET B 87 -3.74 10.35 3.87
N HIS B 88 -2.95 11.35 4.25
CA HIS B 88 -2.29 12.28 3.34
C HIS B 88 -3.25 13.21 2.59
N TYR B 89 -4.37 13.52 3.22
CA TYR B 89 -5.23 14.56 2.75
C TYR B 89 -4.44 15.88 2.79
N ARG B 90 -4.68 16.74 1.81
CA ARG B 90 -3.86 17.89 1.48
C ARG B 90 -4.51 19.22 1.82
N SER B 91 -5.66 19.20 2.47
CA SER B 91 -6.32 20.40 2.95
C SER B 91 -6.56 20.33 4.46
N LEU B 92 -6.70 21.51 5.06
CA LEU B 92 -7.11 21.59 6.44
C LEU B 92 -8.60 21.19 6.42
N ILE B 93 -8.99 20.31 7.34
CA ILE B 93 -10.37 19.85 7.38
C ILE B 93 -11.06 20.74 8.41
N PRO B 94 -12.13 21.44 8.01
CA PRO B 94 -12.82 22.30 8.99
C PRO B 94 -13.19 21.56 10.27
N GLY B 95 -13.07 22.26 11.39
CA GLY B 95 -13.47 21.73 12.70
C GLY B 95 -14.87 21.17 12.73
N ARG B 96 -15.84 21.88 12.16
CA ARG B 96 -17.24 21.35 12.13
C ARG B 96 -17.37 20.00 11.44
N PHE B 97 -16.54 19.80 10.41
CA PHE B 97 -16.47 18.51 9.72
C PHE B 97 -15.88 17.42 10.63
N LEU B 98 -14.81 17.71 11.36
CA LEU B 98 -14.33 16.76 12.38
C LEU B 98 -15.37 16.46 13.45
N LYS B 99 -16.19 17.43 13.83
CA LYS B 99 -17.19 17.19 14.89
C LYS B 99 -18.20 16.11 14.52
N LEU B 100 -18.38 15.84 13.23
CA LEU B 100 -19.30 14.80 12.80
C LEU B 100 -18.93 13.41 13.28
N ALA B 101 -17.65 13.12 13.48
CA ALA B 101 -17.27 11.74 13.79
C ALA B 101 -17.19 11.63 15.29
N LYS B 102 -18.10 10.86 15.90
CA LYS B 102 -18.17 10.84 17.37
C LYS B 102 -17.06 10.06 18.02
N LYS B 103 -16.45 9.12 17.30
CA LYS B 103 -15.23 8.52 17.78
C LYS B 103 -13.97 9.29 17.36
N GLY B 104 -14.11 10.47 16.77
CA GLY B 104 -12.94 11.30 16.51
C GLY B 104 -12.20 10.91 15.24
N SER B 105 -10.94 11.27 15.20
CA SER B 105 -10.19 11.17 13.96
C SER B 105 -8.72 10.87 14.20
N VAL B 106 -8.02 10.60 13.09
CA VAL B 106 -6.59 10.42 13.15
C VAL B 106 -6.00 10.82 11.83
N ASN B 107 -4.83 11.41 11.90
CA ASN B 107 -4.04 11.77 10.78
C ASN B 107 -2.63 11.18 10.90
N LEU B 108 -2.06 10.76 9.76
CA LEU B 108 -0.67 10.32 9.67
C LEU B 108 0.28 11.48 9.28
N HIS B 109 1.16 11.91 10.18
CA HIS B 109 2.15 12.96 9.89
C HIS B 109 3.59 12.42 9.97
N PRO B 110 4.44 12.67 8.98
CA PRO B 110 5.76 12.01 9.01
C PRO B 110 6.84 12.75 9.82
N SER B 111 6.57 13.00 11.09
CA SER B 111 7.62 13.31 12.03
C SER B 111 7.18 12.80 13.37
N LEU B 112 8.04 13.04 14.36
CA LEU B 112 7.75 12.77 15.76
C LEU B 112 7.21 14.04 16.34
N LEU B 113 5.90 14.21 16.24
CA LEU B 113 5.29 15.43 16.70
C LEU B 113 5.56 15.58 18.21
N PRO B 114 5.75 16.78 18.71
CA PRO B 114 5.50 18.05 18.04
C PRO B 114 6.65 18.63 17.18
N ALA B 115 7.74 17.90 16.96
CA ALA B 115 8.79 18.41 16.10
C ALA B 115 8.30 18.34 14.68
N TYR B 116 8.79 19.24 13.86
CA TYR B 116 8.52 19.22 12.43
C TYR B 116 7.03 19.17 12.11
N ARG B 117 6.26 20.04 12.76
CA ARG B 117 4.95 20.43 12.26
C ARG B 117 5.11 21.07 10.87
N GLY B 118 4.09 20.93 10.02
CA GLY B 118 4.07 21.54 8.66
C GLY B 118 4.50 20.65 7.49
N THR B 119 4.80 21.30 6.36
CA THR B 119 5.20 20.63 5.12
C THR B 119 6.71 20.33 5.16
N ASN B 120 7.19 19.52 4.19
CA ASN B 120 8.63 19.26 3.99
C ASN B 120 9.34 18.71 5.22
N SER B 121 8.67 17.88 5.99
CA SER B 121 9.28 17.42 7.24
C SER B 121 10.43 16.48 6.94
N VAL B 122 10.25 15.68 5.89
CA VAL B 122 11.28 14.76 5.51
C VAL B 122 12.54 15.54 5.06
N ALA B 123 12.38 16.67 4.40
CA ALA B 123 13.54 17.42 3.93
C ALA B 123 14.26 18.18 5.04
N TRP B 124 13.49 18.85 5.90
CA TRP B 124 14.09 19.53 7.06
C TRP B 124 14.81 18.63 8.05
N VAL B 125 14.28 17.44 8.26
CA VAL B 125 14.93 16.40 9.09
C VAL B 125 16.34 16.14 8.56
N ILE B 126 16.43 15.90 7.25
CA ILE B 126 17.73 15.64 6.65
C ILE B 126 18.62 16.89 6.71
N ILE B 127 18.08 18.04 6.31
CA ILE B 127 18.83 19.32 6.39
C ILE B 127 19.39 19.60 7.78
N ASN B 128 18.66 19.26 8.82
CA ASN B 128 19.11 19.56 10.18
C ASN B 128 20.08 18.54 10.76
N GLY B 129 20.32 17.44 10.06
CA GLY B 129 21.23 16.40 10.54
C GLY B 129 20.63 15.58 11.67
N GLU B 130 19.35 15.28 11.60
CA GLU B 130 18.79 14.32 12.53
C GLU B 130 19.32 12.94 12.14
N SER B 131 19.68 12.16 13.14
CA SER B 131 19.95 10.77 12.95
C SER B 131 18.65 9.98 13.17
N GLU B 132 17.63 10.63 13.72
CA GLU B 132 16.40 9.95 14.15
C GLU B 132 15.14 10.81 13.88
N THR B 133 14.15 10.18 13.28
CA THR B 133 12.85 10.81 13.04
C THR B 133 11.78 9.76 13.34
N GLY B 134 10.64 9.86 12.65
CA GLY B 134 9.59 8.84 12.79
C GLY B 134 8.27 9.36 12.25
N PHE B 135 7.18 8.63 12.52
CA PHE B 135 5.84 9.02 12.10
C PHE B 135 4.92 9.04 13.32
N SER B 136 3.89 9.90 13.25
CA SER B 136 2.94 10.13 14.33
C SER B 136 1.53 9.95 13.74
N TYR B 137 0.78 9.01 14.31
CA TYR B 137 -0.67 8.94 14.13
C TYR B 137 -1.28 9.75 15.27
N HIS B 138 -1.96 10.83 14.93
CA HIS B 138 -2.54 11.74 15.94
C HIS B 138 -3.98 12.14 15.63
N ARG B 139 -4.78 12.37 16.67
CA ARG B 139 -6.11 12.95 16.52
C ARG B 139 -6.00 14.34 15.97
N MET B 140 -7.00 14.74 15.17
CA MET B 140 -7.03 16.05 14.53
C MET B 140 -7.85 17.06 15.34
N ASP B 141 -7.21 18.18 15.67
CA ASP B 141 -7.86 19.37 16.23
C ASP B 141 -8.37 20.24 15.09
N GLU B 142 -8.97 21.36 15.45
CA GLU B 142 -9.18 22.40 14.48
C GLU B 142 -7.86 22.84 13.86
N ASN B 143 -6.78 22.88 14.61
CA ASN B 143 -5.46 23.22 14.03
C ASN B 143 -4.67 22.04 13.46
N ALA B 144 -3.75 22.35 12.56
CA ALA B 144 -2.92 21.33 11.92
C ALA B 144 -1.81 20.81 12.85
N ASP B 145 -1.77 19.50 12.96
CA ASP B 145 -0.67 18.75 13.54
C ASP B 145 -0.48 18.99 15.03
N THR B 146 -1.60 19.28 15.73
CA THR B 146 -1.59 19.57 17.18
C THR B 146 -2.21 18.49 18.06
N GLY B 147 -3.07 17.63 17.53
CA GLY B 147 -3.86 16.77 18.42
C GLY B 147 -3.12 15.61 19.11
N ALA B 148 -3.83 14.92 19.99
CA ALA B 148 -3.27 13.81 20.76
C ALA B 148 -2.74 12.66 19.92
N ILE B 149 -1.66 12.07 20.42
CA ILE B 149 -0.92 11.03 19.72
C ILE B 149 -1.49 9.67 20.09
N LEU B 150 -1.84 8.89 19.09
CA LEU B 150 -2.29 7.53 19.29
C LEU B 150 -1.16 6.51 19.08
N LEU B 151 -0.23 6.85 18.20
CA LEU B 151 0.89 5.98 17.93
C LEU B 151 1.99 6.74 17.25
N GLN B 152 3.19 6.68 17.83
CA GLN B 152 4.44 7.12 17.23
C GLN B 152 5.43 5.99 17.14
N GLU B 153 6.05 5.80 15.98
CA GLU B 153 7.19 4.88 15.83
C GLU B 153 8.42 5.64 15.32
N ARG B 154 9.60 5.30 15.87
CA ARG B 154 10.91 5.87 15.48
C ARG B 154 11.45 5.31 14.17
N ILE B 155 12.05 6.17 13.35
CA ILE B 155 12.68 5.72 12.09
C ILE B 155 14.07 6.32 12.10
N SER B 156 15.11 5.48 12.07
CA SER B 156 16.46 6.02 12.06
C SER B 156 16.73 6.55 10.66
N VAL B 157 17.38 7.71 10.60
CA VAL B 157 17.88 8.34 9.37
C VAL B 157 19.31 7.89 9.05
N GLU B 158 19.55 7.47 7.81
CA GLU B 158 20.91 7.12 7.35
C GLU B 158 21.55 8.30 6.64
N GLU B 159 22.87 8.24 6.53
CA GLU B 159 23.65 9.24 5.80
C GLU B 159 23.48 9.12 4.30
N THR B 160 22.98 7.97 3.83
CA THR B 160 22.58 7.82 2.41
C THR B 160 21.15 8.28 2.10
N ASP B 161 20.31 8.45 3.12
CA ASP B 161 18.91 8.83 2.87
C ASP B 161 18.76 10.14 2.16
N THR B 162 17.90 10.14 1.15
CA THR B 162 17.37 11.35 0.56
C THR B 162 15.96 11.64 1.07
N ALA B 163 15.45 12.83 0.77
CA ALA B 163 14.04 13.09 0.99
C ALA B 163 13.17 11.97 0.39
N PHE B 164 13.59 11.51 -0.78
CA PHE B 164 12.88 10.53 -1.56
C PHE B 164 12.89 9.14 -0.92
N SER B 165 14.07 8.62 -0.57
CA SER B 165 14.12 7.37 0.19
C SER B 165 13.38 7.52 1.53
N LEU B 166 13.56 8.63 2.22
CA LEU B 166 12.93 8.75 3.54
C LEU B 166 11.41 8.83 3.44
N PHE B 167 10.91 9.58 2.48
CA PHE B 167 9.48 9.75 2.28
C PHE B 167 8.80 8.44 2.09
N HIS B 168 9.42 7.58 1.30
CA HIS B 168 8.82 6.34 0.94
C HIS B 168 8.94 5.38 2.08
N ARG B 169 10.04 5.45 2.84
CA ARG B 169 10.17 4.56 4.00
C ARG B 169 9.15 4.95 5.05
N GLN B 170 8.93 6.25 5.24
CA GLN B 170 7.84 6.76 6.13
C GLN B 170 6.52 6.11 5.82
N ILE B 171 6.14 6.16 4.56
CA ILE B 171 4.93 5.58 4.12
C ILE B 171 4.89 4.10 4.42
N ALA B 172 5.83 3.36 3.88
CA ALA B 172 5.88 1.93 4.04
C ALA B 172 5.69 1.56 5.51
N ARG B 173 6.49 2.14 6.39
CA ARG B 173 6.50 1.75 7.81
C ARG B 173 5.22 2.13 8.54
N ALA B 174 4.68 3.30 8.21
CA ALA B 174 3.45 3.74 8.81
C ALA B 174 2.32 2.78 8.50
N MET B 175 2.33 2.19 7.29
CA MET B 175 1.24 1.30 6.88
C MET B 175 1.21 0.03 7.72
N LEU B 176 2.37 -0.40 8.18
CA LEU B 176 2.45 -1.56 9.03
C LEU B 176 1.78 -1.38 10.39
N ARG B 177 1.50 -0.15 10.80
CA ARG B 177 0.86 0.11 12.08
C ARG B 177 -0.60 0.54 11.96
N LEU B 178 -1.14 0.53 10.74
CA LEU B 178 -2.46 1.11 10.45
C LEU B 178 -3.64 0.43 11.11
N GLU B 179 -3.67 -0.89 11.03
CA GLU B 179 -4.72 -1.68 11.65
C GLU B 179 -4.79 -1.40 13.14
N GLU B 180 -3.64 -1.50 13.78
CA GLU B 180 -3.53 -1.23 15.22
C GLU B 180 -4.06 0.20 15.57
N VAL B 181 -3.68 1.19 14.76
CA VAL B 181 -4.19 2.55 14.96
C VAL B 181 -5.72 2.62 14.82
N ILE B 182 -6.25 2.00 13.77
CA ILE B 182 -7.70 1.95 13.57
C ILE B 182 -8.44 1.33 14.79
N LEU B 183 -7.92 0.21 15.32
CA LEU B 183 -8.46 -0.40 16.55
C LEU B 183 -8.35 0.47 17.80
N LYS B 184 -7.30 1.27 17.92
CA LYS B 184 -7.28 2.25 19.00
C LYS B 184 -8.38 3.26 18.89
N LEU B 185 -8.58 3.79 17.69
CA LEU B 185 -9.69 4.72 17.47
C LEU B 185 -11.03 4.08 17.77
N ASP B 186 -11.18 2.82 17.40
CA ASP B 186 -12.44 2.12 17.56
C ASP B 186 -12.79 1.99 19.05
N GLN B 187 -11.78 1.60 19.81
CA GLN B 187 -11.89 1.38 21.24
C GLN B 187 -11.74 2.64 22.07
N GLY B 188 -11.63 3.82 21.44
CA GLY B 188 -11.64 5.08 22.17
C GLY B 188 -10.40 5.45 22.97
N ASP B 189 -9.24 4.95 22.56
CA ASP B 189 -7.99 5.38 23.18
C ASP B 189 -7.89 6.88 23.02
N PRO B 190 -7.79 7.60 24.13
CA PRO B 190 -7.70 9.05 23.94
C PRO B 190 -6.32 9.53 23.46
N GLY B 191 -5.30 8.68 23.54
CA GLY B 191 -3.94 9.13 23.26
C GLY B 191 -3.38 10.10 24.29
N PHE B 192 -2.13 10.52 24.11
CA PHE B 192 -1.47 11.49 25.01
C PHE B 192 -1.23 12.80 24.32
N ALA B 193 -1.25 13.85 25.13
CA ALA B 193 -1.08 15.20 24.64
C ALA B 193 0.35 15.37 24.14
N GLN B 194 0.50 16.19 23.08
CA GLN B 194 1.84 16.37 22.50
C GLN B 194 2.71 17.09 23.55
N LEU B 195 3.84 16.49 23.87
CA LEU B 195 4.68 17.00 24.94
C LEU B 195 6.01 17.36 24.32
N GLY B 196 6.66 18.36 24.92
CA GLY B 196 7.91 18.83 24.41
C GLY B 196 7.70 20.06 23.58
N GLU B 197 8.78 20.41 22.87
CA GLU B 197 8.93 21.74 22.26
C GLU B 197 8.64 21.73 20.76
N ALA B 198 7.59 22.45 20.36
CA ALA B 198 7.14 22.41 18.97
C ALA B 198 8.05 23.21 18.03
N SER B 199 8.58 22.58 16.98
CA SER B 199 9.19 23.30 15.85
C SER B 199 8.30 23.29 14.61
N TYR B 200 8.45 24.34 13.79
CA TYR B 200 7.57 24.61 12.61
C TYR B 200 8.39 24.91 11.36
N TYR B 201 7.92 24.44 10.20
CA TYR B 201 8.65 24.73 8.95
C TYR B 201 7.75 25.23 7.83
N ALA B 202 8.29 26.21 7.11
CA ALA B 202 7.50 27.03 6.20
C ALA B 202 6.98 26.21 5.02
N ARG B 203 5.90 26.70 4.40
CA ARG B 203 5.26 25.96 3.30
C ARG B 203 6.20 25.91 2.09
N GLU B 204 6.94 26.99 1.87
CA GLU B 204 7.95 27.10 0.81
C GLU B 204 8.90 25.92 0.78
N LEU B 205 9.58 25.79 -0.36
CA LEU B 205 10.68 24.84 -0.52
C LEU B 205 11.90 25.42 0.22
N PRO B 206 12.64 24.57 0.97
CA PRO B 206 13.71 25.13 1.84
C PRO B 206 14.81 25.91 1.09
N PHE B 207 15.06 27.15 1.52
CA PHE B 207 16.07 28.06 0.89
C PHE B 207 15.89 28.26 -0.60
N GLY B 208 14.63 28.20 -1.03
CA GLY B 208 14.27 28.08 -2.45
C GLY B 208 15.00 27.03 -3.26
N GLY B 209 15.43 25.94 -2.63
CA GLY B 209 16.20 24.92 -3.35
C GLY B 209 17.56 25.36 -3.86
N VAL B 210 18.09 26.43 -3.28
CA VAL B 210 19.34 27.02 -3.75
C VAL B 210 20.40 26.86 -2.67
N ILE B 211 21.53 26.30 -3.06
CA ILE B 211 22.67 26.11 -2.17
C ILE B 211 23.35 27.43 -1.85
N ASP B 212 23.38 27.78 -0.57
CA ASP B 212 24.19 28.90 -0.04
C ASP B 212 25.63 28.42 0.04
N PRO B 213 26.57 29.16 -0.55
CA PRO B 213 27.97 28.68 -0.53
C PRO B 213 28.73 28.94 0.79
N ARG B 214 28.14 29.72 1.71
CA ARG B 214 28.68 29.86 3.09
C ARG B 214 28.46 28.59 3.97
N TRP B 215 27.52 27.73 3.57
CA TRP B 215 27.34 26.41 4.16
C TRP B 215 28.62 25.55 4.08
N SER B 216 28.77 24.66 5.07
CA SER B 216 29.91 23.72 5.14
C SER B 216 29.66 22.54 4.20
N GLU B 217 30.69 21.70 4.02
CA GLU B 217 30.56 20.54 3.15
C GLU B 217 29.39 19.66 3.65
N VAL B 218 29.39 19.43 4.96
CA VAL B 218 28.34 18.66 5.64
C VAL B 218 26.93 19.25 5.46
N GLN B 219 26.77 20.58 5.50
CA GLN B 219 25.45 21.15 5.33
C GLN B 219 24.99 21.10 3.86
N ILE B 220 25.93 21.25 2.93
CA ILE B 220 25.65 21.14 1.48
C ILE B 220 25.29 19.68 1.09
N ASP B 221 25.97 18.71 1.68
CA ASP B 221 25.66 17.32 1.40
C ASP B 221 24.21 16.99 1.81
N ARG B 222 23.87 17.34 3.04
CA ARG B 222 22.50 17.16 3.57
C ARG B 222 21.48 17.84 2.71
N PHE B 223 21.74 19.11 2.41
CA PHE B 223 20.83 19.83 1.54
C PHE B 223 20.63 19.16 0.17
N ILE B 224 21.71 18.72 -0.47
CA ILE B 224 21.59 18.00 -1.76
C ILE B 224 20.68 16.77 -1.58
N ARG B 225 20.90 15.99 -0.51
CA ARG B 225 20.06 14.81 -0.22
C ARG B 225 18.61 15.14 0.14
N ALA B 226 18.46 16.22 0.88
CA ALA B 226 17.16 16.77 1.19
C ALA B 226 16.39 17.25 -0.03
N MET B 227 17.11 17.73 -1.05
CA MET B 227 16.51 18.18 -2.31
C MET B 227 16.23 17.11 -3.36
N PHE B 228 16.81 15.93 -3.22
CA PHE B 228 16.57 14.85 -4.18
C PHE B 228 15.17 14.22 -4.06
N PHE B 229 14.33 14.41 -5.05
CA PHE B 229 12.94 13.93 -5.07
C PHE B 229 12.40 13.91 -6.50
N PRO B 230 12.68 12.84 -7.25
CA PRO B 230 12.21 12.84 -8.64
C PRO B 230 10.69 12.73 -8.74
N PRO B 231 10.08 13.35 -9.75
CA PRO B 231 10.74 14.05 -10.85
C PRO B 231 11.14 15.51 -10.63
N PHE B 232 11.00 16.08 -9.44
CA PHE B 232 11.29 17.54 -9.23
C PHE B 232 12.75 17.96 -9.46
N PRO B 233 13.00 19.27 -9.65
CA PRO B 233 14.40 19.74 -9.75
C PRO B 233 15.25 19.48 -8.50
N PRO B 234 16.53 19.14 -8.66
CA PRO B 234 17.38 18.94 -7.48
C PRO B 234 17.90 20.28 -6.95
N ALA B 235 18.78 20.23 -5.96
CA ALA B 235 19.41 21.48 -5.45
C ALA B 235 20.00 22.30 -6.61
N VAL B 236 19.79 23.60 -6.57
CA VAL B 236 20.46 24.50 -7.50
C VAL B 236 21.71 25.12 -6.87
N LEU B 237 22.84 25.04 -7.60
CA LEU B 237 24.00 25.97 -7.40
C LEU B 237 23.97 27.14 -8.46
N LYS B 238 24.07 28.39 -8.01
CA LYS B 238 24.13 29.54 -8.94
C LYS B 238 25.58 29.99 -9.10
N ILE B 239 26.08 30.08 -10.34
CA ILE B 239 27.49 30.46 -10.59
C ILE B 239 27.65 31.47 -11.74
N ASP B 240 28.18 32.65 -11.37
CA ASP B 240 28.21 33.83 -12.23
C ASP B 240 26.79 34.10 -12.67
N GLY B 241 25.96 34.53 -11.71
CA GLY B 241 24.53 34.85 -11.93
C GLY B 241 23.82 33.89 -12.84
N LYS B 242 24.10 32.59 -12.67
CA LYS B 242 23.63 31.53 -13.58
C LYS B 242 23.20 30.25 -12.82
N VAL B 243 22.01 29.72 -13.10
CA VAL B 243 21.49 28.45 -12.52
C VAL B 243 22.11 27.15 -13.14
N TYR B 244 22.53 26.20 -12.28
CA TYR B 244 23.08 24.88 -12.69
C TYR B 244 22.59 23.85 -11.70
N TYR B 245 21.97 22.80 -12.20
CA TYR B 245 21.46 21.71 -11.36
C TYR B 245 22.62 20.86 -10.90
N VAL B 246 22.59 20.42 -9.64
CA VAL B 246 23.66 19.57 -9.11
C VAL B 246 23.46 18.15 -9.60
N PRO B 247 24.55 17.33 -9.66
CA PRO B 247 24.30 15.91 -9.93
C PRO B 247 23.63 15.24 -8.71
#